data_4LCE
#
_entry.id   4LCE
#
_cell.length_a   88.970
_cell.length_b   88.970
_cell.length_c   161.538
_cell.angle_alpha   90.000
_cell.angle_beta   90.000
_cell.angle_gamma   120.000
#
_symmetry.space_group_name_H-M   'P 64 2 2'
#
loop_
_entity.id
_entity.type
_entity.pdbx_description
1 polymer 'C-terminal-binding protein 1'
2 non-polymer NICOTINAMIDE-ADENINE-DINUCLEOTIDE
3 non-polymer '4-(METHYLSULFANYL)-2-OXOBUTANOIC ACID'
4 water water
#
_entity_poly.entity_id   1
_entity_poly.type   'polypeptide(L)'
_entity_poly.pdbx_seq_one_letter_code
;MGSSHHHHHHSSGLVPRGSHMPLVALLDGRDCTVEMPILKDVATVAFCDAQSTQEIHEKVLNEAVGALMYHTITLTREDL
EKFKALRIIVRIGSGFDNIDIKSAGDLGIAVCNVPAASVEETADSTLCHILNLYRRATWLHQALREGTRVQSVEQIREVA
SGAARIRGETLGIIGLGRVGQAVALRAKAFGFNVLFYDPYLSDGVERALGLQRVSTLQDLLFHSDCVTLHCGLNEHNHHL
INDFTVKQMRQGAFLVNTARGGLVDEKALAQALKEGRIRGAALDVHESEPFSFSQGPLKDAPNLICTPHAAWYSEQASIE
MREEAAREIRRAITGRIPDSLKNCVNK
;
_entity_poly.pdbx_strand_id   A
#
loop_
_chem_comp.id
_chem_comp.type
_chem_comp.name
_chem_comp.formula
KMT non-polymer '4-(METHYLSULFANYL)-2-OXOBUTANOIC ACID' 'C5 H8 O3 S'
NAD non-polymer NICOTINAMIDE-ADENINE-DINUCLEOTIDE 'C21 H27 N7 O14 P2'
#
# COMPACT_ATOMS: atom_id res chain seq x y z
N MET A 21 -32.53 4.05 -14.58
CA MET A 21 -31.38 4.56 -13.78
C MET A 21 -30.04 4.06 -14.30
N PRO A 22 -28.99 4.90 -14.25
CA PRO A 22 -27.68 4.46 -14.71
C PRO A 22 -27.16 3.22 -13.97
N LEU A 23 -26.37 2.40 -14.65
CA LEU A 23 -25.78 1.22 -14.06
C LEU A 23 -24.41 1.53 -13.44
N VAL A 24 -24.22 1.08 -12.22
CA VAL A 24 -22.93 1.19 -11.52
C VAL A 24 -22.50 -0.21 -11.09
N ALA A 25 -21.29 -0.61 -11.44
CA ALA A 25 -20.86 -1.97 -11.14
C ALA A 25 -19.71 -2.03 -10.16
N LEU A 26 -19.85 -2.87 -9.15
CA LEU A 26 -18.74 -3.21 -8.28
C LEU A 26 -17.96 -4.32 -8.97
N LEU A 27 -16.72 -4.04 -9.31
CA LEU A 27 -16.00 -4.90 -10.22
C LEU A 27 -15.37 -6.10 -9.53
N ASP A 28 -14.49 -5.86 -8.56
CA ASP A 28 -13.76 -6.95 -7.92
C ASP A 28 -14.24 -7.26 -6.51
N GLY A 29 -15.56 -7.34 -6.37
CA GLY A 29 -16.19 -7.73 -5.11
C GLY A 29 -17.65 -8.12 -5.28
N ARG A 30 -18.25 -8.55 -4.17
CA ARG A 30 -19.65 -8.98 -4.11
C ARG A 30 -20.48 -8.05 -3.22
N ASP A 31 -19.98 -7.78 -2.02
CA ASP A 31 -20.73 -7.00 -1.06
C ASP A 31 -20.87 -5.51 -1.44
N CYS A 32 -22.13 -5.06 -1.57
CA CYS A 32 -22.53 -3.70 -1.88
C CYS A 32 -23.40 -3.10 -0.77
N THR A 33 -23.49 -3.75 0.39
CA THR A 33 -24.48 -3.36 1.42
C THR A 33 -24.28 -1.94 1.98
N VAL A 34 -23.04 -1.48 1.99
CA VAL A 34 -22.73 -0.17 2.55
C VAL A 34 -23.09 0.90 1.54
N GLU A 35 -22.83 0.64 0.27
CA GLU A 35 -23.07 1.62 -0.79
C GLU A 35 -24.57 1.79 -1.08
N MET A 36 -25.35 0.75 -0.80
CA MET A 36 -26.75 0.70 -1.27
C MET A 36 -27.64 1.81 -0.74
N PRO A 37 -27.57 2.12 0.57
CA PRO A 37 -28.46 3.20 1.02
C PRO A 37 -28.14 4.58 0.42
N ILE A 38 -26.90 4.77 0.01
CA ILE A 38 -26.46 6.05 -0.54
C ILE A 38 -26.82 6.13 -2.02
N LEU A 39 -26.75 4.99 -2.71
CA LEU A 39 -26.96 4.93 -4.16
C LEU A 39 -28.37 4.49 -4.60
N LYS A 40 -29.28 4.22 -3.65
CA LYS A 40 -30.55 3.57 -4.00
C LYS A 40 -31.36 4.28 -5.08
N ASP A 41 -31.62 5.56 -4.87
CA ASP A 41 -32.49 6.33 -5.77
C ASP A 41 -31.75 6.98 -6.92
N VAL A 42 -30.52 6.55 -7.17
CA VAL A 42 -29.58 7.25 -8.06
C VAL A 42 -29.03 6.31 -9.14
N ALA A 43 -28.76 5.06 -8.76
CA ALA A 43 -28.14 4.11 -9.65
C ALA A 43 -28.64 2.69 -9.38
N THR A 44 -28.64 1.89 -10.43
CA THR A 44 -28.82 0.45 -10.33
C THR A 44 -27.44 -0.09 -10.02
N VAL A 45 -27.34 -0.89 -8.98
CA VAL A 45 -26.04 -1.39 -8.57
C VAL A 45 -25.93 -2.87 -8.83
N ALA A 46 -24.82 -3.25 -9.43
CA ALA A 46 -24.53 -4.64 -9.73
C ALA A 46 -23.12 -4.92 -9.25
N PHE A 47 -22.84 -6.19 -9.02
CA PHE A 47 -21.47 -6.63 -8.77
C PHE A 47 -21.04 -7.67 -9.79
N CYS A 48 -19.72 -7.83 -9.93
CA CYS A 48 -19.13 -8.75 -10.89
C CYS A 48 -18.24 -9.82 -10.25
N ASP A 49 -17.83 -9.59 -8.99
CA ASP A 49 -16.95 -10.53 -8.30
C ASP A 49 -15.79 -10.97 -9.21
N ALA A 50 -15.30 -10.02 -10.02
CA ALA A 50 -14.33 -10.30 -11.06
C ALA A 50 -12.88 -10.13 -10.62
N GLN A 51 -12.04 -11.13 -10.91
CA GLN A 51 -10.58 -11.01 -10.77
C GLN A 51 -9.97 -10.32 -11.99
N SER A 52 -10.69 -10.32 -13.11
CA SER A 52 -10.22 -9.71 -14.34
C SER A 52 -11.36 -9.25 -15.21
N THR A 53 -11.01 -8.45 -16.21
CA THR A 53 -11.95 -7.99 -17.22
C THR A 53 -12.63 -9.12 -18.03
N GLN A 54 -11.95 -10.26 -18.18
CA GLN A 54 -12.50 -11.39 -18.94
C GLN A 54 -13.63 -12.05 -18.15
N GLU A 55 -13.90 -11.55 -16.96
CA GLU A 55 -14.91 -12.13 -16.08
C GLU A 55 -16.09 -11.19 -15.88
N ILE A 56 -16.16 -10.10 -16.63
CA ILE A 56 -17.28 -9.16 -16.49
C ILE A 56 -18.31 -9.42 -17.59
N HIS A 57 -19.58 -9.53 -17.20
CA HIS A 57 -20.67 -9.76 -18.13
C HIS A 57 -20.75 -8.66 -19.18
N GLU A 58 -21.19 -9.03 -20.37
CA GLU A 58 -21.30 -8.09 -21.48
C GLU A 58 -22.17 -6.86 -21.14
N LYS A 59 -23.25 -7.06 -20.36
CA LYS A 59 -24.15 -5.97 -19.94
C LYS A 59 -23.40 -4.84 -19.22
N VAL A 60 -22.52 -5.25 -18.33
CA VAL A 60 -21.73 -4.30 -17.54
C VAL A 60 -20.81 -3.50 -18.47
N LEU A 61 -20.01 -4.20 -19.27
CA LEU A 61 -19.13 -3.55 -20.25
C LEU A 61 -19.89 -2.62 -21.18
N ASN A 62 -21.09 -3.04 -21.58
CA ASN A 62 -21.90 -2.25 -22.51
C ASN A 62 -22.55 -1.05 -21.86
N GLU A 63 -23.12 -1.24 -20.66
CA GLU A 63 -24.01 -0.24 -20.05
C GLU A 63 -23.48 0.54 -18.82
N ALA A 64 -22.48 0.01 -18.13
CA ALA A 64 -22.05 0.61 -16.86
C ALA A 64 -21.61 2.05 -17.04
N VAL A 65 -22.26 2.96 -16.30
CA VAL A 65 -21.92 4.37 -16.34
C VAL A 65 -20.84 4.69 -15.30
N GLY A 66 -20.91 4.00 -14.16
CA GLY A 66 -19.90 4.08 -13.14
C GLY A 66 -19.41 2.71 -12.73
N ALA A 67 -18.22 2.69 -12.13
CA ALA A 67 -17.57 1.49 -11.61
C ALA A 67 -16.94 1.75 -10.23
N LEU A 68 -17.18 0.84 -9.30
CA LEU A 68 -16.51 0.85 -8.00
C LEU A 68 -15.50 -0.28 -7.97
N MET A 69 -14.29 -0.04 -7.45
CA MET A 69 -13.30 -1.12 -7.40
C MET A 69 -12.22 -0.98 -6.34
N TYR A 70 -11.66 -2.13 -6.00
CA TYR A 70 -10.55 -2.23 -5.07
C TYR A 70 -9.26 -2.36 -5.85
N HIS A 71 -8.29 -3.06 -5.28
CA HIS A 71 -6.96 -3.13 -5.86
C HIS A 71 -6.71 -4.46 -6.58
N THR A 72 -7.68 -5.39 -6.52
CA THR A 72 -7.44 -6.80 -6.93
C THR A 72 -7.68 -7.06 -8.42
N ILE A 73 -8.06 -6.01 -9.16
CA ILE A 73 -8.23 -6.09 -10.59
C ILE A 73 -7.53 -4.90 -11.22
N THR A 74 -6.92 -5.12 -12.39
CA THR A 74 -6.18 -4.08 -13.11
C THR A 74 -6.95 -3.63 -14.35
N LEU A 75 -6.93 -2.33 -14.62
CA LEU A 75 -7.50 -1.82 -15.85
C LEU A 75 -6.42 -1.17 -16.70
N THR A 76 -6.04 -1.87 -17.77
CA THR A 76 -5.16 -1.34 -18.82
C THR A 76 -6.02 -0.58 -19.80
N ARG A 77 -5.39 0.05 -20.80
CA ARG A 77 -6.15 0.75 -21.84
C ARG A 77 -7.09 -0.23 -22.57
N GLU A 78 -6.54 -1.39 -22.93
CA GLU A 78 -7.34 -2.50 -23.48
C GLU A 78 -8.68 -2.60 -22.74
N ASP A 79 -8.60 -2.88 -21.43
CA ASP A 79 -9.78 -3.09 -20.56
C ASP A 79 -10.74 -1.90 -20.57
N LEU A 80 -10.19 -0.69 -20.53
CA LEU A 80 -10.99 0.52 -20.49
C LEU A 80 -11.77 0.72 -21.79
N GLU A 81 -11.18 0.29 -22.91
CA GLU A 81 -11.83 0.44 -24.22
C GLU A 81 -13.03 -0.50 -24.33
N LYS A 82 -13.01 -1.62 -23.61
CA LYS A 82 -14.15 -2.55 -23.57
C LYS A 82 -15.41 -1.97 -22.95
N PHE A 83 -15.29 -0.83 -22.27
CA PHE A 83 -16.44 -0.17 -21.68
C PHE A 83 -16.97 0.85 -22.66
N LYS A 84 -18.25 0.80 -23.00
CA LYS A 84 -18.83 1.70 -24.01
C LYS A 84 -19.65 2.84 -23.44
N ALA A 85 -20.03 2.76 -22.15
CA ALA A 85 -20.81 3.81 -21.48
C ALA A 85 -20.13 4.41 -20.23
N LEU A 86 -19.00 3.84 -19.82
CA LEU A 86 -18.34 4.20 -18.55
C LEU A 86 -17.80 5.64 -18.47
N ARG A 87 -18.35 6.42 -17.53
CA ARG A 87 -17.93 7.81 -17.31
C ARG A 87 -17.13 8.06 -16.03
N ILE A 88 -17.24 7.15 -15.04
CA ILE A 88 -16.46 7.28 -13.80
C ILE A 88 -16.01 5.97 -13.14
N ILE A 89 -14.72 5.90 -12.82
CA ILE A 89 -14.20 4.84 -11.95
C ILE A 89 -13.84 5.42 -10.60
N VAL A 90 -14.41 4.88 -9.53
CA VAL A 90 -14.01 5.26 -8.19
C VAL A 90 -13.33 4.09 -7.48
N ARG A 91 -12.05 4.27 -7.16
CA ARG A 91 -11.34 3.32 -6.28
C ARG A 91 -11.83 3.47 -4.84
N ILE A 92 -12.18 2.33 -4.23
CA ILE A 92 -12.49 2.28 -2.80
C ILE A 92 -11.19 2.05 -2.05
N GLY A 93 -10.50 3.15 -1.73
CA GLY A 93 -9.13 3.09 -1.21
C GLY A 93 -8.30 4.15 -1.92
N SER A 94 -7.03 4.27 -1.53
CA SER A 94 -6.18 5.38 -1.97
C SER A 94 -5.28 5.09 -3.17
N GLY A 95 -4.66 3.91 -3.23
CA GLY A 95 -3.73 3.63 -4.33
C GLY A 95 -4.47 3.35 -5.63
N PHE A 96 -4.05 3.99 -6.72
CA PHE A 96 -4.65 3.78 -8.05
C PHE A 96 -3.67 3.38 -9.15
N ASP A 97 -2.49 2.87 -8.77
CA ASP A 97 -1.55 2.28 -9.74
C ASP A 97 -2.14 1.16 -10.59
N ASN A 98 -3.20 0.51 -10.11
CA ASN A 98 -3.83 -0.62 -10.80
C ASN A 98 -4.77 -0.19 -11.90
N ILE A 99 -4.92 1.11 -12.09
CA ILE A 99 -5.68 1.64 -13.19
C ILE A 99 -4.71 2.43 -14.06
N ASP A 100 -4.68 2.17 -15.37
CA ASP A 100 -3.98 3.07 -16.31
C ASP A 100 -4.77 4.38 -16.40
N ILE A 101 -4.33 5.35 -15.62
CA ILE A 101 -5.09 6.56 -15.35
C ILE A 101 -5.07 7.53 -16.53
N LYS A 102 -3.89 7.68 -17.16
CA LYS A 102 -3.72 8.61 -18.28
C LYS A 102 -4.61 8.21 -19.48
N SER A 103 -4.59 6.92 -19.80
CA SER A 103 -5.47 6.36 -20.85
C SER A 103 -6.94 6.53 -20.52
N ALA A 104 -7.29 6.35 -19.26
CA ALA A 104 -8.67 6.54 -18.84
C ALA A 104 -9.13 7.95 -19.15
N GLY A 105 -8.27 8.92 -18.88
CA GLY A 105 -8.60 10.33 -19.05
C GLY A 105 -8.73 10.66 -20.53
N ASP A 106 -7.82 10.11 -21.32
CA ASP A 106 -7.88 10.26 -22.78
C ASP A 106 -9.23 9.71 -23.25
N LEU A 107 -9.55 8.48 -22.86
CA LEU A 107 -10.84 7.86 -23.19
C LEU A 107 -12.06 8.56 -22.59
N GLY A 108 -11.85 9.72 -21.99
CA GLY A 108 -12.94 10.50 -21.40
C GLY A 108 -13.48 9.91 -20.10
N ILE A 109 -12.67 9.13 -19.38
CA ILE A 109 -13.12 8.52 -18.12
C ILE A 109 -12.51 9.17 -16.86
N ALA A 110 -13.37 9.73 -16.01
CA ALA A 110 -12.95 10.32 -14.74
C ALA A 110 -12.60 9.21 -13.74
N VAL A 111 -11.40 9.27 -13.17
CA VAL A 111 -11.01 8.33 -12.12
C VAL A 111 -10.81 9.06 -10.80
N CYS A 112 -11.44 8.55 -9.74
CA CYS A 112 -11.25 9.08 -8.39
C CYS A 112 -10.77 8.01 -7.40
N ASN A 113 -10.30 8.49 -6.25
CA ASN A 113 -9.91 7.61 -5.16
C ASN A 113 -10.51 8.06 -3.83
N VAL A 114 -10.17 7.35 -2.77
CA VAL A 114 -10.57 7.70 -1.43
C VAL A 114 -9.28 7.81 -0.62
N PRO A 115 -8.77 9.04 -0.46
CA PRO A 115 -7.38 9.16 0.00
C PRO A 115 -7.15 9.01 1.51
N ALA A 116 -8.16 9.23 2.34
CA ALA A 116 -7.94 9.55 3.76
C ALA A 116 -8.42 8.55 4.80
N ALA A 117 -9.16 7.53 4.38
CA ALA A 117 -9.91 6.71 5.33
C ALA A 117 -9.07 5.82 6.19
N SER A 118 -7.92 5.41 5.69
N SER A 118 -7.91 5.41 5.68
CA SER A 118 -7.06 4.42 6.34
CA SER A 118 -7.07 4.41 6.33
C SER A 118 -5.63 4.87 6.63
C SER A 118 -5.63 4.87 6.63
N VAL A 119 -5.39 6.17 6.68
CA VAL A 119 -4.05 6.69 6.86
C VAL A 119 -3.44 6.20 8.16
N GLU A 120 -4.16 6.37 9.26
CA GLU A 120 -3.64 6.00 10.58
C GLU A 120 -3.62 4.48 10.80
N GLU A 121 -4.60 3.77 10.26
CA GLU A 121 -4.55 2.29 10.25
C GLU A 121 -3.24 1.81 9.63
N THR A 122 -2.90 2.44 8.52
CA THR A 122 -1.73 2.02 7.76
C THR A 122 -0.45 2.42 8.48
N ALA A 123 -0.43 3.63 9.03
CA ALA A 123 0.69 4.06 9.82
C ALA A 123 0.87 3.13 11.02
N ASP A 124 -0.22 2.75 11.66
CA ASP A 124 -0.16 1.92 12.86
C ASP A 124 0.32 0.52 12.52
N SER A 125 -0.15 -0.03 11.39
CA SER A 125 0.35 -1.33 10.95
C SER A 125 1.82 -1.22 10.57
N THR A 126 2.20 -0.09 9.98
CA THR A 126 3.59 0.12 9.64
C THR A 126 4.43 0.10 10.90
N LEU A 127 4.03 0.85 11.91
CA LEU A 127 4.78 0.88 13.18
C LEU A 127 4.83 -0.50 13.78
N CYS A 128 3.73 -1.24 13.66
CA CYS A 128 3.66 -2.61 14.14
C CYS A 128 4.72 -3.47 13.45
N HIS A 129 4.85 -3.31 12.15
CA HIS A 129 5.89 -4.03 11.42
C HIS A 129 7.33 -3.64 11.84
N ILE A 130 7.58 -2.35 11.96
CA ILE A 130 8.89 -1.87 12.37
C ILE A 130 9.26 -2.48 13.71
N LEU A 131 8.33 -2.36 14.66
CA LEU A 131 8.57 -2.82 16.00
C LEU A 131 8.77 -4.34 16.03
N ASN A 132 7.98 -5.06 15.25
CA ASN A 132 8.15 -6.51 15.10
C ASN A 132 9.56 -6.92 14.60
N LEU A 133 10.16 -6.09 13.75
CA LEU A 133 11.53 -6.37 13.31
C LEU A 133 12.53 -6.08 14.41
N TYR A 134 12.35 -4.96 15.10
CA TYR A 134 13.30 -4.56 16.13
C TYR A 134 13.16 -5.39 17.38
N ARG A 135 11.93 -5.77 17.72
CA ARG A 135 11.67 -6.45 19.00
C ARG A 135 11.31 -7.94 18.86
N ARG A 136 11.10 -8.37 17.62
CA ARG A 136 11.05 -9.79 17.25
C ARG A 136 9.87 -10.55 17.82
N ALA A 137 8.83 -9.81 18.24
CA ALA A 137 7.67 -10.38 18.90
C ALA A 137 7.00 -11.48 18.08
N THR A 138 6.81 -11.23 16.80
CA THR A 138 6.14 -12.20 15.95
C THR A 138 6.98 -13.46 15.83
N TRP A 139 8.29 -13.28 15.62
CA TRP A 139 9.20 -14.42 15.51
C TRP A 139 9.36 -15.18 16.81
N LEU A 140 9.33 -14.45 17.92
CA LEU A 140 9.44 -15.08 19.24
C LEU A 140 8.20 -15.89 19.54
N HIS A 141 7.05 -15.39 19.09
CA HIS A 141 5.78 -16.10 19.23
C HIS A 141 5.79 -17.39 18.41
N GLN A 142 6.12 -17.27 17.12
CA GLN A 142 6.35 -18.44 16.25
C GLN A 142 7.23 -19.45 16.97
N ALA A 143 8.37 -18.98 17.46
CA ALA A 143 9.31 -19.84 18.14
C ALA A 143 8.60 -20.64 19.24
N LEU A 144 7.76 -19.97 20.03
CA LEU A 144 7.07 -20.65 21.10
C LEU A 144 6.02 -21.67 20.60
N ARG A 145 5.32 -21.31 19.53
CA ARG A 145 4.40 -22.24 18.87
C ARG A 145 5.15 -23.50 18.41
N GLU A 146 6.37 -23.32 17.90
CA GLU A 146 7.20 -24.42 17.42
C GLU A 146 7.72 -25.33 18.53
N GLY A 147 7.52 -24.91 19.79
CA GLY A 147 7.86 -25.73 20.93
C GLY A 147 9.25 -25.45 21.47
N THR A 148 9.87 -24.37 21.01
CA THR A 148 11.13 -23.95 21.59
C THR A 148 10.88 -23.64 23.05
N ARG A 149 11.69 -24.22 23.93
CA ARG A 149 11.60 -23.94 25.38
C ARG A 149 12.74 -22.99 25.71
N VAL A 150 12.41 -21.91 26.39
CA VAL A 150 13.35 -20.83 26.65
C VAL A 150 13.46 -20.69 28.16
N GLN A 151 14.37 -21.44 28.78
CA GLN A 151 14.40 -21.55 30.24
C GLN A 151 15.36 -20.54 30.87
N SER A 152 16.55 -20.40 30.31
CA SER A 152 17.59 -19.59 30.93
C SER A 152 17.74 -18.27 30.18
N VAL A 153 18.38 -17.33 30.84
CA VAL A 153 18.67 -16.05 30.25
C VAL A 153 19.47 -16.24 28.97
N GLU A 154 20.50 -17.06 29.04
CA GLU A 154 21.30 -17.41 27.87
C GLU A 154 20.38 -17.83 26.72
N GLN A 155 19.43 -18.70 27.01
CA GLN A 155 18.45 -19.10 26.00
C GLN A 155 17.56 -17.95 25.52
N ILE A 156 17.26 -16.98 26.40
CA ILE A 156 16.46 -15.82 26.00
C ILE A 156 17.27 -15.02 25.01
N ARG A 157 18.53 -14.76 25.35
CA ARG A 157 19.43 -14.00 24.46
C ARG A 157 19.60 -14.64 23.08
N GLU A 158 19.56 -15.97 23.02
CA GLU A 158 19.73 -16.71 21.76
C GLU A 158 18.45 -16.69 20.96
N VAL A 159 17.32 -17.01 21.58
CA VAL A 159 16.07 -17.02 20.83
C VAL A 159 15.71 -15.60 20.35
N ALA A 160 16.04 -14.59 21.16
CA ALA A 160 15.73 -13.19 20.84
C ALA A 160 16.89 -12.51 20.11
N SER A 161 17.90 -13.28 19.72
CA SER A 161 19.08 -12.71 19.12
C SER A 161 18.70 -11.81 17.94
N GLY A 162 19.31 -10.63 17.87
CA GLY A 162 19.00 -9.67 16.80
C GLY A 162 18.07 -8.57 17.28
N ALA A 163 17.36 -8.80 18.39
CA ALA A 163 16.49 -7.77 18.96
C ALA A 163 17.34 -6.58 19.37
N ALA A 164 16.91 -5.41 19.01
CA ALA A 164 17.73 -4.23 19.08
C ALA A 164 17.03 -3.05 19.75
N ARG A 165 17.86 -2.18 20.33
CA ARG A 165 17.47 -0.95 20.97
C ARG A 165 17.20 0.08 19.91
N ILE A 166 16.06 0.74 20.00
CA ILE A 166 15.62 1.64 18.96
C ILE A 166 16.19 3.06 19.07
N ARG A 167 16.37 3.59 20.29
CA ARG A 167 16.74 4.99 20.39
C ARG A 167 18.07 5.25 19.68
N GLY A 168 18.09 6.29 18.85
CA GLY A 168 19.27 6.66 18.11
C GLY A 168 19.37 5.98 16.75
N GLU A 169 18.55 4.94 16.51
CA GLU A 169 18.48 4.36 15.18
C GLU A 169 17.83 5.35 14.18
N THR A 170 18.15 5.17 12.90
CA THR A 170 17.62 6.05 11.86
C THR A 170 16.58 5.34 11.05
N LEU A 171 15.37 5.90 11.03
CA LEU A 171 14.30 5.43 10.15
C LEU A 171 14.31 6.30 8.92
N GLY A 172 14.45 5.69 7.76
CA GLY A 172 14.37 6.42 6.49
C GLY A 172 13.03 6.21 5.84
N ILE A 173 12.29 7.29 5.65
CA ILE A 173 10.97 7.23 5.02
C ILE A 173 11.07 7.66 3.54
N ILE A 174 10.63 6.78 2.65
CA ILE A 174 10.54 7.08 1.22
C ILE A 174 9.10 7.43 0.90
N GLY A 175 8.84 8.71 0.65
CA GLY A 175 7.50 9.20 0.46
C GLY A 175 6.90 9.72 1.76
N LEU A 176 6.71 11.04 1.82
CA LEU A 176 6.25 11.70 3.03
C LEU A 176 4.94 12.39 2.75
N GLY A 177 3.99 11.60 2.26
CA GLY A 177 2.61 12.06 2.12
C GLY A 177 1.85 11.75 3.40
N ARG A 178 0.60 11.30 3.24
CA ARG A 178 -0.24 11.18 4.42
C ARG A 178 0.30 10.11 5.36
N VAL A 179 0.54 8.91 4.83
CA VAL A 179 1.00 7.82 5.66
C VAL A 179 2.41 8.04 6.17
N GLY A 180 3.33 8.46 5.30
CA GLY A 180 4.69 8.74 5.72
C GLY A 180 4.77 9.76 6.87
N GLN A 181 3.91 10.77 6.81
CA GLN A 181 3.87 11.77 7.88
C GLN A 181 3.34 11.18 9.19
N ALA A 182 2.29 10.37 9.11
CA ALA A 182 1.74 9.76 10.33
C ALA A 182 2.79 8.81 10.92
N VAL A 183 3.50 8.13 10.04
CA VAL A 183 4.60 7.24 10.45
C VAL A 183 5.75 7.95 11.15
N ALA A 184 6.20 9.05 10.55
CA ALA A 184 7.25 9.88 11.10
C ALA A 184 6.94 10.36 12.50
N LEU A 185 5.71 10.84 12.72
CA LEU A 185 5.34 11.41 14.01
C LEU A 185 5.37 10.33 15.09
N ARG A 186 4.80 9.16 14.77
CA ARG A 186 4.85 8.02 15.66
C ARG A 186 6.29 7.61 15.96
N ALA A 187 7.13 7.59 14.93
CA ALA A 187 8.51 7.10 15.10
C ALA A 187 9.33 7.97 16.01
N LYS A 188 9.11 9.28 15.98
CA LYS A 188 9.81 10.20 16.89
C LYS A 188 9.61 9.81 18.34
N ALA A 189 8.41 9.35 18.65
CA ALA A 189 8.09 9.00 20.03
C ALA A 189 8.88 7.79 20.56
N PHE A 190 9.49 6.98 19.69
CA PHE A 190 10.33 5.85 20.11
C PHE A 190 11.82 6.22 20.10
N GLY A 191 12.14 7.48 19.80
CA GLY A 191 13.54 7.91 19.71
C GLY A 191 14.27 7.60 18.39
N PHE A 192 13.53 7.20 17.35
CA PHE A 192 14.08 7.15 16.02
C PHE A 192 14.49 8.55 15.59
N ASN A 193 15.62 8.59 14.91
CA ASN A 193 16.02 9.72 14.10
C ASN A 193 15.36 9.50 12.74
N VAL A 194 14.52 10.44 12.32
CA VAL A 194 13.76 10.25 11.08
C VAL A 194 14.29 11.09 9.91
N LEU A 195 14.66 10.40 8.83
CA LEU A 195 14.99 11.04 7.54
C LEU A 195 13.86 10.75 6.57
N PHE A 196 13.65 11.64 5.59
CA PHE A 196 12.83 11.25 4.47
C PHE A 196 13.43 11.69 3.13
N TYR A 197 12.95 11.02 2.09
CA TYR A 197 13.22 11.34 0.69
C TYR A 197 11.89 11.35 -0.02
N ASP A 198 11.55 12.48 -0.63
CA ASP A 198 10.36 12.60 -1.44
C ASP A 198 10.65 13.66 -2.50
N PRO A 199 10.98 13.22 -3.73
CA PRO A 199 11.43 14.19 -4.74
C PRO A 199 10.36 15.13 -5.25
N TYR A 200 9.09 14.93 -4.88
CA TYR A 200 7.99 15.79 -5.41
C TYR A 200 7.45 16.84 -4.49
N LEU A 201 7.89 16.91 -3.24
CA LEU A 201 7.38 17.94 -2.32
C LEU A 201 8.18 19.20 -2.43
N SER A 202 7.52 20.34 -2.28
CA SER A 202 8.23 21.62 -2.22
C SER A 202 8.91 21.70 -0.85
N ASP A 203 9.92 22.53 -0.72
CA ASP A 203 10.69 22.51 0.51
C ASP A 203 9.95 23.21 1.62
N GLY A 204 10.29 22.83 2.85
CA GLY A 204 9.76 23.46 4.03
C GLY A 204 8.91 22.55 4.87
N VAL A 205 8.49 21.42 4.31
CA VAL A 205 7.63 20.53 5.06
C VAL A 205 8.50 19.85 6.12
N GLU A 206 9.75 19.59 5.77
CA GLU A 206 10.71 19.08 6.74
C GLU A 206 10.80 19.98 8.01
N ARG A 207 10.69 21.30 7.82
CA ARG A 207 10.83 22.25 8.92
C ARG A 207 9.53 22.20 9.73
N ALA A 208 8.42 22.19 9.01
CA ALA A 208 7.10 22.23 9.64
C ALA A 208 6.95 21.09 10.64
N LEU A 209 7.45 19.91 10.27
CA LEU A 209 7.30 18.68 11.05
C LEU A 209 8.56 18.27 11.80
N GLY A 210 9.63 19.05 11.67
CA GLY A 210 10.86 18.82 12.43
C GLY A 210 11.57 17.55 12.00
N LEU A 211 11.68 17.34 10.69
CA LEU A 211 12.40 16.17 10.17
C LEU A 211 13.61 16.58 9.34
N GLN A 212 14.47 15.61 9.09
CA GLN A 212 15.59 15.81 8.19
C GLN A 212 15.25 15.21 6.82
N ARG A 213 15.52 15.98 5.78
CA ARG A 213 15.22 15.57 4.42
C ARG A 213 16.52 15.30 3.69
N VAL A 214 16.51 14.34 2.78
CA VAL A 214 17.66 14.08 1.94
C VAL A 214 17.23 14.13 0.49
N SER A 215 18.19 14.50 -0.35
CA SER A 215 17.94 14.77 -1.75
C SER A 215 17.77 13.54 -2.62
N THR A 216 18.51 12.45 -2.33
CA THR A 216 18.47 11.29 -3.21
C THR A 216 18.10 10.02 -2.46
N LEU A 217 17.62 9.05 -3.23
CA LEU A 217 17.29 7.77 -2.71
C LEU A 217 18.52 7.20 -2.07
N GLN A 218 19.65 7.38 -2.73
CA GLN A 218 20.90 6.78 -2.25
C GLN A 218 21.33 7.34 -0.89
N ASP A 219 21.15 8.65 -0.69
CA ASP A 219 21.38 9.27 0.62
C ASP A 219 20.52 8.63 1.72
N LEU A 220 19.23 8.47 1.44
CA LEU A 220 18.28 7.81 2.33
C LEU A 220 18.76 6.40 2.71
N LEU A 221 19.06 5.59 1.71
CA LEU A 221 19.38 4.19 1.96
C LEU A 221 20.71 4.04 2.68
N PHE A 222 21.66 4.91 2.35
CA PHE A 222 22.98 4.90 2.97
C PHE A 222 22.90 5.16 4.48
N HIS A 223 22.04 6.09 4.90
CA HIS A 223 22.00 6.56 6.27
C HIS A 223 20.98 5.88 7.16
N SER A 224 20.19 4.97 6.59
CA SER A 224 19.03 4.41 7.27
C SER A 224 19.26 3.03 7.84
N ASP A 225 18.87 2.85 9.11
CA ASP A 225 18.90 1.54 9.76
C ASP A 225 17.65 0.75 9.46
N CYS A 226 16.55 1.45 9.21
CA CYS A 226 15.31 0.84 8.81
C CYS A 226 14.72 1.71 7.73
N VAL A 227 14.33 1.09 6.62
CA VAL A 227 13.82 1.82 5.47
C VAL A 227 12.38 1.44 5.28
N THR A 228 11.50 2.42 5.16
CA THR A 228 10.07 2.16 5.08
C THR A 228 9.43 2.91 3.91
N LEU A 229 8.58 2.21 3.16
CA LEU A 229 8.06 2.71 1.90
C LEU A 229 6.66 3.21 2.07
N HIS A 230 6.45 4.44 1.61
CA HIS A 230 5.18 5.12 1.72
C HIS A 230 4.87 6.01 0.54
N CYS A 231 5.42 5.65 -0.63
CA CYS A 231 5.12 6.36 -1.88
C CYS A 231 4.16 5.57 -2.73
N GLY A 232 3.32 6.29 -3.47
CA GLY A 232 2.58 5.68 -4.57
C GLY A 232 3.50 4.97 -5.56
N LEU A 233 2.95 3.95 -6.21
CA LEU A 233 3.62 3.26 -7.29
C LEU A 233 3.26 3.98 -8.58
N ASN A 234 4.28 4.45 -9.29
CA ASN A 234 4.10 5.26 -10.51
C ASN A 234 5.06 4.83 -11.62
N GLU A 235 4.96 5.47 -12.78
CA GLU A 235 5.74 5.06 -13.94
C GLU A 235 7.25 5.08 -13.67
N HIS A 236 7.70 5.90 -12.72
CA HIS A 236 9.13 6.10 -12.45
C HIS A 236 9.74 5.36 -11.28
N ASN A 237 8.95 4.58 -10.54
CA ASN A 237 9.51 3.91 -9.36
C ASN A 237 9.28 2.41 -9.24
N HIS A 238 9.00 1.74 -10.36
CA HIS A 238 8.92 0.28 -10.37
CA HIS A 238 8.92 0.28 -10.35
C HIS A 238 10.27 -0.25 -9.92
N HIS A 239 10.27 -1.27 -9.06
CA HIS A 239 11.53 -1.84 -8.60
C HIS A 239 12.49 -0.74 -8.13
N LEU A 240 11.97 0.22 -7.36
CA LEU A 240 12.80 1.25 -6.74
C LEU A 240 13.90 0.61 -5.92
N ILE A 241 13.51 -0.40 -5.16
CA ILE A 241 14.43 -1.28 -4.47
C ILE A 241 14.72 -2.44 -5.43
N ASN A 242 15.99 -2.61 -5.80
CA ASN A 242 16.40 -3.63 -6.79
C ASN A 242 17.82 -4.13 -6.53
N ASP A 243 18.42 -4.87 -7.46
CA ASP A 243 19.82 -5.31 -7.29
C ASP A 243 20.76 -4.14 -7.02
N PHE A 244 20.61 -3.05 -7.76
CA PHE A 244 21.49 -1.89 -7.61
C PHE A 244 21.25 -1.19 -6.25
N THR A 245 20.03 -0.69 -6.03
CA THR A 245 19.73 0.07 -4.84
C THR A 245 19.84 -0.75 -3.55
N VAL A 246 19.41 -2.01 -3.57
CA VAL A 246 19.64 -2.88 -2.40
C VAL A 246 21.09 -2.80 -1.93
N LYS A 247 22.03 -2.75 -2.89
CA LYS A 247 23.47 -2.70 -2.57
C LYS A 247 23.88 -1.39 -1.88
N GLN A 248 23.06 -0.34 -2.02
CA GLN A 248 23.28 0.97 -1.33
C GLN A 248 22.81 1.00 0.14
N MET A 249 21.94 0.07 0.54
CA MET A 249 21.41 0.04 1.90
C MET A 249 22.46 -0.41 2.90
N ARG A 250 22.34 0.07 4.15
CA ARG A 250 23.28 -0.34 5.20
C ARG A 250 23.31 -1.83 5.32
N GLN A 251 24.47 -2.36 5.72
CA GLN A 251 24.60 -3.77 5.98
C GLN A 251 23.77 -4.10 7.24
N GLY A 252 22.82 -5.03 7.10
CA GLY A 252 21.96 -5.44 8.22
C GLY A 252 20.78 -4.49 8.47
N ALA A 253 20.45 -3.67 7.48
CA ALA A 253 19.27 -2.81 7.52
C ALA A 253 18.00 -3.61 7.47
N PHE A 254 16.92 -3.00 7.96
CA PHE A 254 15.58 -3.58 7.83
C PHE A 254 14.87 -2.87 6.71
N LEU A 255 13.92 -3.58 6.13
CA LEU A 255 13.06 -3.01 5.11
C LEU A 255 11.61 -3.27 5.48
N VAL A 256 10.78 -2.23 5.33
CA VAL A 256 9.34 -2.35 5.59
C VAL A 256 8.60 -1.85 4.37
N ASN A 257 7.59 -2.60 3.92
CA ASN A 257 6.75 -2.17 2.80
C ASN A 257 5.25 -2.37 2.97
N THR A 258 4.55 -1.28 3.26
CA THR A 258 3.09 -1.29 3.29
C THR A 258 2.54 -0.39 2.19
N ALA A 259 3.39 -0.08 1.20
CA ALA A 259 2.99 0.80 0.12
C ALA A 259 2.48 -0.04 -1.08
N ARG A 260 3.36 -0.42 -1.99
CA ARG A 260 2.99 -1.25 -3.15
C ARG A 260 4.05 -2.28 -3.44
N GLY A 261 3.60 -3.49 -3.77
CA GLY A 261 4.51 -4.61 -4.04
C GLY A 261 5.47 -4.34 -5.18
N GLY A 262 5.04 -3.58 -6.18
CA GLY A 262 5.88 -3.26 -7.33
C GLY A 262 7.04 -2.31 -7.11
N LEU A 263 7.22 -1.80 -5.88
CA LEU A 263 8.34 -0.91 -5.58
C LEU A 263 9.60 -1.71 -5.26
N VAL A 264 9.44 -3.02 -5.07
CA VAL A 264 10.53 -3.87 -4.65
C VAL A 264 10.70 -5.09 -5.58
N ASP A 265 11.96 -5.36 -5.96
CA ASP A 265 12.35 -6.56 -6.69
C ASP A 265 12.53 -7.70 -5.69
N GLU A 266 11.55 -8.58 -5.62
CA GLU A 266 11.60 -9.62 -4.62
C GLU A 266 12.79 -10.58 -4.82
N LYS A 267 13.28 -10.71 -6.05
CA LYS A 267 14.46 -11.53 -6.35
C LYS A 267 15.69 -10.96 -5.63
N ALA A 268 15.93 -9.65 -5.78
CA ALA A 268 17.03 -9.00 -5.06
C ALA A 268 16.78 -9.02 -3.56
N LEU A 269 15.54 -8.83 -3.13
CA LEU A 269 15.23 -8.82 -1.69
C LEU A 269 15.57 -10.16 -1.09
N ALA A 270 15.05 -11.22 -1.71
CA ALA A 270 15.31 -12.60 -1.29
C ALA A 270 16.78 -12.92 -1.11
N GLN A 271 17.59 -12.71 -2.15
CA GLN A 271 19.04 -12.96 -2.09
C GLN A 271 19.61 -12.21 -0.91
N ALA A 272 19.20 -10.95 -0.77
CA ALA A 272 19.68 -10.07 0.30
C ALA A 272 19.36 -10.61 1.69
N LEU A 273 18.16 -11.18 1.83
CA LEU A 273 17.79 -11.82 3.10
C LEU A 273 18.65 -13.07 3.31
N LYS A 274 18.78 -13.92 2.29
CA LYS A 274 19.62 -15.13 2.39
C LYS A 274 21.05 -14.80 2.81
N GLU A 275 21.64 -13.79 2.18
CA GLU A 275 23.03 -13.40 2.45
C GLU A 275 23.18 -12.57 3.72
N GLY A 276 22.08 -12.11 4.30
CA GLY A 276 22.11 -11.34 5.55
C GLY A 276 22.41 -9.86 5.33
N ARG A 277 22.44 -9.42 4.09
CA ARG A 277 22.70 -8.00 3.76
C ARG A 277 21.54 -7.12 4.24
N ILE A 278 20.33 -7.65 4.12
CA ILE A 278 19.15 -7.10 4.77
C ILE A 278 18.80 -8.07 5.88
N ARG A 279 18.74 -7.56 7.12
CA ARG A 279 18.56 -8.39 8.31
C ARG A 279 17.14 -8.90 8.46
N GLY A 280 16.18 -8.13 7.96
CA GLY A 280 14.79 -8.49 8.09
C GLY A 280 13.93 -7.60 7.25
N ALA A 281 12.81 -8.15 6.80
CA ALA A 281 11.85 -7.38 6.04
C ALA A 281 10.44 -7.75 6.43
N ALA A 282 9.58 -6.74 6.42
CA ALA A 282 8.18 -6.85 6.78
C ALA A 282 7.38 -6.32 5.62
N LEU A 283 6.53 -7.17 5.05
CA LEU A 283 5.82 -6.85 3.81
C LEU A 283 4.31 -7.08 3.91
N ASP A 284 3.52 -6.04 3.73
CA ASP A 284 2.05 -6.18 3.66
C ASP A 284 1.59 -6.26 2.20
N VAL A 285 2.51 -5.99 1.27
CA VAL A 285 2.21 -5.93 -0.16
C VAL A 285 3.31 -6.62 -0.96
N HIS A 286 2.95 -7.10 -2.15
CA HIS A 286 3.81 -8.02 -2.89
C HIS A 286 3.59 -7.91 -4.41
N GLU A 287 4.65 -8.16 -5.16
CA GLU A 287 4.61 -8.09 -6.63
C GLU A 287 3.41 -8.84 -7.21
N SER A 288 3.20 -10.07 -6.74
CA SER A 288 2.02 -10.83 -7.13
C SER A 288 1.18 -11.20 -5.89
N GLU A 289 -0.03 -10.64 -5.82
CA GLU A 289 -0.96 -10.90 -4.73
C GLU A 289 -2.15 -11.75 -5.25
N PRO A 290 -2.65 -12.69 -4.45
CA PRO A 290 -2.30 -13.00 -3.06
C PRO A 290 -0.92 -13.61 -2.93
N PHE A 291 -0.32 -13.38 -1.78
CA PHE A 291 1.01 -13.86 -1.50
C PHE A 291 0.93 -15.26 -0.88
N SER A 292 1.87 -16.12 -1.23
CA SER A 292 2.05 -17.41 -0.55
C SER A 292 3.50 -17.60 -0.13
N PHE A 293 3.68 -18.20 1.04
CA PHE A 293 5.01 -18.57 1.52
C PHE A 293 5.56 -19.81 0.79
N SER A 294 4.73 -20.41 -0.07
CA SER A 294 5.10 -21.60 -0.82
C SER A 294 5.36 -21.33 -2.31
N GLN A 295 5.05 -20.13 -2.79
CA GLN A 295 5.27 -19.80 -4.22
C GLN A 295 5.98 -18.45 -4.37
N GLY A 296 6.79 -18.29 -5.41
CA GLY A 296 7.43 -17.02 -5.76
C GLY A 296 8.85 -16.92 -5.26
N PRO A 297 9.53 -15.79 -5.59
CA PRO A 297 10.96 -15.62 -5.24
C PRO A 297 11.26 -15.62 -3.73
N LEU A 298 10.30 -15.20 -2.91
CA LEU A 298 10.51 -15.11 -1.47
C LEU A 298 10.42 -16.47 -0.77
N LYS A 299 10.03 -17.51 -1.52
CA LYS A 299 9.72 -18.82 -0.95
C LYS A 299 10.57 -19.19 0.25
N ASP A 300 11.88 -19.15 0.09
CA ASP A 300 12.78 -19.68 1.14
C ASP A 300 13.44 -18.61 2.00
N ALA A 301 13.18 -17.34 1.72
CA ALA A 301 13.91 -16.25 2.37
C ALA A 301 13.78 -16.26 3.89
N PRO A 302 14.90 -16.13 4.64
CA PRO A 302 14.73 -16.03 6.08
C PRO A 302 14.27 -14.62 6.49
N ASN A 303 13.88 -14.47 7.76
CA ASN A 303 13.73 -13.16 8.36
C ASN A 303 12.68 -12.32 7.67
N LEU A 304 11.59 -12.97 7.31
CA LEU A 304 10.54 -12.36 6.53
C LEU A 304 9.22 -12.43 7.27
N ILE A 305 8.60 -11.26 7.45
CA ILE A 305 7.25 -11.17 7.98
C ILE A 305 6.39 -10.65 6.85
N CYS A 306 5.19 -11.19 6.75
CA CYS A 306 4.25 -10.83 5.69
C CYS A 306 2.80 -10.79 6.20
N THR A 307 2.02 -9.90 5.58
CA THR A 307 0.60 -9.76 5.88
C THR A 307 -0.12 -9.59 4.54
N PRO A 308 -1.40 -9.97 4.47
CA PRO A 308 -2.14 -10.11 3.20
C PRO A 308 -2.85 -8.85 2.75
N HIS A 309 -2.06 -7.83 2.46
CA HIS A 309 -2.58 -6.52 2.13
C HIS A 309 -3.69 -6.06 3.12
N ALA A 310 -3.41 -6.10 4.42
CA ALA A 310 -4.38 -5.72 5.46
C ALA A 310 -4.03 -4.50 6.34
N ALA A 311 -2.98 -3.76 5.97
CA ALA A 311 -2.54 -2.59 6.75
C ALA A 311 -3.65 -1.55 6.82
N TRP A 312 -4.41 -1.45 5.76
CA TRP A 312 -5.51 -0.50 5.66
C TRP A 312 -6.67 -0.83 6.58
N TYR A 313 -6.85 -2.10 6.90
CA TYR A 313 -8.14 -2.56 7.35
C TYR A 313 -8.47 -2.23 8.80
N SER A 314 -9.59 -1.55 9.01
CA SER A 314 -10.33 -1.57 10.27
C SER A 314 -11.79 -1.55 9.84
N GLU A 315 -12.72 -1.94 10.72
CA GLU A 315 -14.14 -1.85 10.37
C GLU A 315 -14.58 -0.39 10.07
N GLN A 316 -14.07 0.57 10.82
CA GLN A 316 -14.43 1.97 10.62
C GLN A 316 -13.87 2.51 9.30
N ALA A 317 -12.63 2.14 8.99
CA ALA A 317 -11.99 2.57 7.76
C ALA A 317 -12.69 1.96 6.54
N SER A 318 -13.02 0.68 6.64
CA SER A 318 -13.73 -0.01 5.56
C SER A 318 -15.04 0.70 5.27
N ILE A 319 -15.84 0.88 6.32
CA ILE A 319 -17.14 1.57 6.19
C ILE A 319 -16.94 2.99 5.67
N GLU A 320 -15.96 3.68 6.23
CA GLU A 320 -15.73 5.08 5.89
C GLU A 320 -15.46 5.25 4.40
N MET A 321 -14.53 4.48 3.87
CA MET A 321 -14.13 4.61 2.48
C MET A 321 -15.22 4.15 1.50
N ARG A 322 -16.01 3.17 1.92
CA ARG A 322 -17.11 2.68 1.10
C ARG A 322 -18.21 3.73 0.96
N GLU A 323 -18.55 4.38 2.06
CA GLU A 323 -19.55 5.44 2.01
C GLU A 323 -19.04 6.63 1.19
N GLU A 324 -17.80 7.04 1.41
CA GLU A 324 -17.23 8.16 0.63
C GLU A 324 -17.19 7.82 -0.87
N ALA A 325 -16.75 6.62 -1.21
CA ALA A 325 -16.77 6.15 -2.61
C ALA A 325 -18.16 6.20 -3.20
N ALA A 326 -19.13 5.67 -2.47
CA ALA A 326 -20.50 5.66 -2.96
C ALA A 326 -20.94 7.09 -3.29
N ARG A 327 -20.61 8.03 -2.40
CA ARG A 327 -21.01 9.43 -2.56
C ARG A 327 -20.37 10.05 -3.78
N GLU A 328 -19.11 9.72 -3.99
CA GLU A 328 -18.43 10.20 -5.17
C GLU A 328 -19.16 9.70 -6.44
N ILE A 329 -19.55 8.43 -6.48
CA ILE A 329 -20.36 7.94 -7.61
C ILE A 329 -21.62 8.79 -7.73
N ARG A 330 -22.28 9.00 -6.61
CA ARG A 330 -23.51 9.75 -6.61
C ARG A 330 -23.27 11.14 -7.20
N ARG A 331 -22.18 11.77 -6.80
CA ARG A 331 -21.84 13.12 -7.28
C ARG A 331 -21.57 13.13 -8.79
N ALA A 332 -20.81 12.16 -9.27
CA ALA A 332 -20.65 11.92 -10.70
C ALA A 332 -21.99 11.93 -11.43
N ILE A 333 -22.89 11.06 -11.00
CA ILE A 333 -24.15 10.85 -11.71
C ILE A 333 -25.08 12.04 -11.58
N THR A 334 -25.14 12.62 -10.40
CA THR A 334 -26.13 13.66 -10.10
C THR A 334 -25.74 15.02 -10.69
N GLY A 335 -24.43 15.25 -10.82
CA GLY A 335 -23.90 16.57 -11.19
C GLY A 335 -23.02 16.56 -12.44
N ARG A 336 -21.83 17.17 -12.34
CA ARG A 336 -20.98 17.44 -13.51
C ARG A 336 -19.57 16.89 -13.33
N ILE A 337 -19.18 16.05 -14.27
CA ILE A 337 -17.84 15.52 -14.31
C ILE A 337 -17.00 16.54 -15.08
N PRO A 338 -15.79 16.86 -14.57
CA PRO A 338 -15.20 16.45 -13.30
C PRO A 338 -15.41 17.46 -12.16
N ASP A 339 -16.25 18.46 -12.34
CA ASP A 339 -16.41 19.55 -11.35
C ASP A 339 -16.99 19.08 -10.01
N SER A 340 -18.04 18.27 -10.06
CA SER A 340 -18.73 17.78 -8.86
C SER A 340 -17.93 16.76 -8.02
N LEU A 341 -16.72 16.40 -8.44
CA LEU A 341 -15.95 15.35 -7.77
C LEU A 341 -14.96 15.92 -6.77
N LYS A 342 -14.85 15.28 -5.61
CA LYS A 342 -13.91 15.72 -4.59
C LYS A 342 -12.53 15.17 -4.81
N ASN A 343 -12.44 13.97 -5.36
CA ASN A 343 -11.17 13.23 -5.39
C ASN A 343 -10.76 12.64 -6.72
N CYS A 344 -11.13 13.34 -7.79
CA CYS A 344 -10.70 12.94 -9.12
C CYS A 344 -9.20 13.14 -9.21
N VAL A 345 -8.47 12.10 -9.62
CA VAL A 345 -7.00 12.15 -9.64
C VAL A 345 -6.40 12.23 -11.07
N ASN A 346 -7.24 12.55 -12.05
CA ASN A 346 -6.81 12.69 -13.45
C ASN A 346 -7.57 13.78 -14.20
N LYS A 347 -7.86 14.88 -13.52
CA LYS A 347 -8.40 16.09 -14.14
C LYS A 347 -7.29 16.81 -14.93
PA NAD B . 0.08 10.05 -0.63
PA NAD B . 0.06 10.08 -0.63
O1A NAD B . -0.27 10.40 -2.06
O1A NAD B . -0.16 10.47 -2.08
O2A NAD B . -0.61 10.81 0.49
O2A NAD B . -0.59 10.88 0.47
O5B NAD B . 1.65 10.20 -0.46
O5B NAD B . 1.65 10.04 -0.38
C5B NAD B . 2.54 9.57 -1.35
C5B NAD B . 2.52 9.55 -1.39
C4B NAD B . 3.84 10.35 -1.39
C4B NAD B . 3.81 10.36 -1.40
O4B NAD B . 4.85 9.59 -2.08
O4B NAD B . 4.86 9.61 -2.02
C3B NAD B . 3.71 11.68 -2.10
C3B NAD B . 3.66 11.65 -2.18
O3B NAD B . 4.10 12.75 -1.22
O3B NAD B . 3.95 12.77 -1.34
C2B NAD B . 4.67 11.59 -3.27
C2B NAD B . 4.69 11.57 -3.30
O2B NAD B . 5.33 12.84 -3.49
O2B NAD B . 5.35 12.82 -3.47
C1B NAD B . 5.65 10.52 -2.81
C1B NAD B . 5.66 10.51 -2.79
N9A NAD B . 6.39 9.82 -3.89
N9A NAD B . 6.39 9.80 -3.86
C8A NAD B . 5.92 9.40 -5.07
C8A NAD B . 5.91 9.43 -5.06
N7A NAD B . 6.91 8.76 -5.75
N7A NAD B . 6.87 8.78 -5.76
C5A NAD B . 8.01 8.76 -4.99
C5A NAD B . 7.99 8.76 -5.01
C6A NAD B . 9.39 8.27 -5.12
C6A NAD B . 9.37 8.24 -5.16
N6A NAD B . 9.80 7.62 -6.24
N6A NAD B . 9.75 7.61 -6.29
N1A NAD B . 10.23 8.46 -4.08
N1A NAD B . 10.22 8.41 -4.13
C2A NAD B . 9.83 9.10 -2.97
C2A NAD B . 9.84 9.04 -3.00
N3A NAD B . 8.60 9.59 -2.78
N3A NAD B . 8.60 9.53 -2.80
C4A NAD B . 7.65 9.44 -3.76
C4A NAD B . 7.66 9.42 -3.75
O3 NAD B . -0.21 8.49 -0.42
O3 NAD B . -0.41 8.56 -0.46
PN NAD B . -0.45 7.88 1.04
PN NAD B . -0.52 7.85 0.97
O1N NAD B . -1.91 7.99 1.40
O1N NAD B . 0.63 8.30 1.83
O2N NAD B . 0.60 8.44 1.97
O2N NAD B . -1.93 7.96 1.47
O5D NAD B . -0.15 6.33 0.82
O5D NAD B . -0.25 6.33 0.54
C5D NAD B . 1.11 5.90 0.36
C5D NAD B . 1.02 6.03 -0.01
C4D NAD B . 0.92 4.69 -0.55
C4D NAD B . 1.04 4.58 -0.46
O4D NAD B . 0.73 3.55 0.28
O4D NAD B . 0.55 3.74 0.57
C3D NAD B . -0.30 4.79 -1.45
C3D NAD B . 0.19 4.31 -1.67
O3D NAD B . 0.01 5.11 -2.81
O3D NAD B . 0.93 3.46 -2.55
C2D NAD B . -0.94 3.43 -1.40
C2D NAD B . -1.01 3.56 -1.14
O2D NAD B . -0.72 2.67 -2.59
O2D NAD B . -1.57 2.63 -2.07
C1D NAD B . -0.25 2.68 -0.28
C1D NAD B . -0.36 2.81 -0.02
N1N NAD B . -1.21 2.28 0.74
N1N NAD B . -1.34 2.35 0.94
C2N NAD B . -1.28 1.01 1.11
C2N NAD B . -1.35 1.05 1.24
C3N NAD B . -2.18 0.59 2.07
C3N NAD B . -2.26 0.55 2.15
C7N NAD B . -2.25 -0.86 2.50
C7N NAD B . -2.25 -0.90 2.50
O7N NAD B . -3.31 -1.32 2.85
O7N NAD B . -3.27 -1.42 2.90
N7N NAD B . -1.16 -1.60 2.51
N7N NAD B . -1.12 -1.59 2.39
C4N NAD B . -3.01 1.53 2.66
C4N NAD B . -3.15 1.44 2.74
C5N NAD B . -2.91 2.86 2.29
C5N NAD B . -3.13 2.78 2.41
C6N NAD B . -1.99 3.22 1.31
C6N NAD B . -2.19 3.22 1.49
C1 KMT C . -4.78 1.37 -1.01
O1 KMT C . -5.93 1.84 -1.18
O2 KMT C . -3.78 2.08 -1.26
C2 KMT C . -4.59 -0.01 -0.53
O5 KMT C . -3.50 -0.50 -0.57
C3 KMT C . -5.70 -0.80 0.04
C4 KMT C . -7.08 -0.48 -0.38
S1 KMT C . -8.19 -1.83 -0.34
C5 KMT C . -9.68 -1.20 0.38
#